data_3BSY
#
_entry.id   3BSY
#
_cell.length_a   55.871
_cell.length_b   91.862
_cell.length_c   125.195
_cell.angle_alpha   90.000
_cell.angle_beta   90.000
_cell.angle_gamma   90.000
#
_symmetry.space_group_name_H-M   'P 21 21 21'
#
loop_
_entity.id
_entity.type
_entity.pdbx_description
1 polymer Acetyltransferase
2 non-polymer 'ACETYL COENZYME *A'
3 water water
#
_entity_poly.entity_id   1
_entity_poly.type   'polypeptide(L)'
_entity_poly.pdbx_seq_one_letter_code
;GSAMARTEKIYIYGASGHGLVCEDVAKNMGYKECIFLDDFKGMKFESTLPKYDFFIAIGNNEIRKKIYQKISENGFKIVN
LIHKSALISPSAIVEENAGILIMPYVVINAKAKIEKGVILNTSSVIEHECVIGEFSHVSVGAKCAGNVKIGKNCFLGINS
CVLPNLSLADDSILGGGATLVKNQDEKGVFVGVPAKRM
;
_entity_poly.pdbx_strand_id   A,B,C
#
# COMPACT_ATOMS: atom_id res chain seq x y z
N ARG A 6 3.65 -6.44 28.95
CA ARG A 6 2.69 -5.31 28.83
C ARG A 6 1.74 -5.32 30.01
N THR A 7 1.37 -4.12 30.48
CA THR A 7 0.30 -3.99 31.48
C THR A 7 -1.07 -4.13 30.80
N GLU A 8 -2.14 -4.27 31.59
CA GLU A 8 -3.48 -4.41 31.02
C GLU A 8 -4.11 -3.09 30.58
N LYS A 9 -3.72 -2.02 31.25
CA LYS A 9 -4.21 -0.69 30.89
C LYS A 9 -3.08 0.10 30.24
N ILE A 10 -3.45 1.14 29.51
CA ILE A 10 -2.47 2.02 28.87
C ILE A 10 -2.99 3.45 28.83
N TYR A 11 -2.11 4.40 29.18
CA TYR A 11 -2.40 5.82 28.97
C TYR A 11 -2.13 6.19 27.53
N ILE A 12 -3.11 6.80 26.88
CA ILE A 12 -2.95 7.38 25.56
C ILE A 12 -2.97 8.89 25.73
N TYR A 13 -1.81 9.52 25.64
CA TYR A 13 -1.75 10.98 25.62
C TYR A 13 -2.07 11.54 24.24
N GLY A 14 -3.23 12.18 24.15
CA GLY A 14 -3.75 12.79 22.91
C GLY A 14 -5.20 12.42 22.65
N ALA A 15 -6.13 13.31 23.02
CA ALA A 15 -7.58 13.09 22.82
C ALA A 15 -8.03 13.68 21.50
N SER A 16 -7.77 12.93 20.44
CA SER A 16 -7.97 13.36 19.06
C SER A 16 -8.08 12.12 18.21
N GLY A 17 -8.27 12.33 16.91
CA GLY A 17 -8.28 11.23 15.93
C GLY A 17 -6.99 10.42 15.97
N HIS A 18 -5.85 11.09 16.14
CA HIS A 18 -4.57 10.38 16.31
C HIS A 18 -4.60 9.48 17.54
N GLY A 19 -5.16 9.98 18.65
CA GLY A 19 -5.35 9.17 19.85
C GLY A 19 -6.22 7.96 19.63
N LEU A 20 -7.30 8.13 18.86
CA LEU A 20 -8.25 7.05 18.60
C LEU A 20 -7.59 5.94 17.79
N VAL A 21 -6.84 6.33 16.77
CA VAL A 21 -6.11 5.37 15.96
C VAL A 21 -5.11 4.57 16.80
N CYS A 22 -4.38 5.26 17.68
CA CYS A 22 -3.44 4.61 18.61
C CYS A 22 -4.18 3.66 19.56
N GLU A 23 -5.36 4.07 20.01
CA GLU A 23 -6.15 3.22 20.88
C GLU A 23 -6.53 1.92 20.15
N ASP A 24 -6.90 2.04 18.87
CA ASP A 24 -7.19 0.85 18.04
C ASP A 24 -6.00 -0.09 17.94
N VAL A 25 -4.80 0.46 17.75
CA VAL A 25 -3.59 -0.37 17.72
C VAL A 25 -3.36 -1.00 19.08
N ALA A 26 -3.51 -0.21 20.15
CA ALA A 26 -3.35 -0.74 21.49
C ALA A 26 -4.29 -1.92 21.75
N LYS A 27 -5.54 -1.80 21.30
CA LYS A 27 -6.53 -2.87 21.47
C LYS A 27 -6.11 -4.11 20.65
N ASN A 28 -5.62 -3.88 19.44
CA ASN A 28 -5.09 -4.94 18.58
C ASN A 28 -3.97 -5.74 19.27
N MET A 29 -3.12 -5.05 20.02
CA MET A 29 -2.04 -5.69 20.77
C MET A 29 -2.55 -6.43 22.01
N GLY A 30 -3.79 -6.15 22.41
CA GLY A 30 -4.39 -6.86 23.54
C GLY A 30 -4.58 -6.05 24.81
N TYR A 31 -4.30 -4.74 24.77
CA TYR A 31 -4.63 -3.88 25.90
C TYR A 31 -6.14 -3.90 26.13
N LYS A 32 -6.55 -3.96 27.38
CA LYS A 32 -7.97 -4.10 27.72
C LYS A 32 -8.66 -2.74 27.87
N GLU A 33 -7.89 -1.73 28.25
CA GLU A 33 -8.46 -0.42 28.55
C GLU A 33 -7.47 0.69 28.25
N CYS A 34 -7.93 1.69 27.52
CA CYS A 34 -7.17 2.90 27.24
C CYS A 34 -7.68 4.09 28.04
N ILE A 35 -6.77 4.74 28.77
CA ILE A 35 -7.08 5.92 29.56
C ILE A 35 -6.51 7.14 28.85
N PHE A 36 -7.39 7.97 28.28
CA PHE A 36 -6.96 9.14 27.52
C PHE A 36 -6.58 10.31 28.42
N LEU A 37 -5.52 11.01 28.05
CA LEU A 37 -5.21 12.30 28.64
C LEU A 37 -4.88 13.33 27.57
N ASP A 38 -5.38 14.55 27.75
CA ASP A 38 -5.05 15.65 26.87
C ASP A 38 -5.29 17.00 27.54
N ASP A 39 -4.21 17.74 27.77
CA ASP A 39 -4.27 18.95 28.58
C ASP A 39 -5.09 20.04 27.90
N PHE A 40 -5.26 19.92 26.59
CA PHE A 40 -6.06 20.87 25.82
C PHE A 40 -7.47 20.33 25.56
N LYS A 41 -7.56 19.03 25.33
CA LYS A 41 -8.76 18.45 24.72
C LYS A 41 -9.46 17.37 25.51
N GLY A 42 -9.01 17.13 26.73
CA GLY A 42 -9.54 16.03 27.53
C GLY A 42 -9.04 16.09 28.95
N MET A 43 -8.95 14.94 29.61
CA MET A 43 -8.54 14.87 31.01
C MET A 43 -7.08 15.23 31.13
N LYS A 44 -6.80 16.20 32.00
CA LYS A 44 -5.44 16.69 32.20
C LYS A 44 -4.53 15.64 32.85
N PHE A 45 -3.28 15.61 32.39
CA PHE A 45 -2.27 14.73 32.98
C PHE A 45 -1.93 15.23 34.37
N GLU A 46 -1.57 14.30 35.26
CA GLU A 46 -0.94 14.62 36.54
C GLU A 46 0.22 13.63 36.75
N SER A 47 1.31 14.11 37.34
CA SER A 47 2.50 13.28 37.57
C SER A 47 2.33 12.26 38.67
N THR A 48 1.15 12.27 39.31
CA THR A 48 0.80 11.33 40.38
C THR A 48 -0.24 10.28 39.96
N LEU A 49 -0.55 10.25 38.66
CA LEU A 49 -1.36 9.17 38.08
C LEU A 49 -0.69 7.81 38.32
N PRO A 50 -1.50 6.75 38.54
CA PRO A 50 -0.98 5.37 38.66
C PRO A 50 -0.14 4.95 37.46
N LYS A 51 0.90 4.15 37.71
CA LYS A 51 1.81 3.73 36.65
C LYS A 51 1.30 2.60 35.77
N TYR A 52 0.86 2.94 34.56
CA TYR A 52 0.58 1.93 33.54
C TYR A 52 1.46 2.24 32.34
N ASP A 53 1.52 1.31 31.38
CA ASP A 53 2.15 1.59 30.08
C ASP A 53 1.63 2.92 29.52
N PHE A 54 2.50 3.63 28.82
CA PHE A 54 2.18 4.96 28.31
C PHE A 54 2.45 5.04 26.80
N PHE A 55 1.66 5.85 26.11
CA PHE A 55 1.94 6.19 24.72
C PHE A 55 1.60 7.64 24.39
N ILE A 56 2.47 8.29 23.61
CA ILE A 56 2.23 9.65 23.17
C ILE A 56 1.64 9.68 21.77
N ALA A 57 0.32 9.85 21.68
CA ALA A 57 -0.36 9.97 20.40
C ALA A 57 -0.50 11.42 19.98
N ILE A 58 0.63 12.12 19.86
CA ILE A 58 0.65 13.46 19.30
C ILE A 58 1.34 13.47 17.94
N GLY A 59 0.59 13.90 16.91
CA GLY A 59 1.11 13.92 15.54
C GLY A 59 2.26 14.88 15.34
N ASN A 60 2.14 16.08 15.90
CA ASN A 60 3.20 17.09 15.80
C ASN A 60 4.51 16.59 16.45
N ASN A 61 5.59 16.55 15.66
CA ASN A 61 6.87 15.97 16.10
C ASN A 61 7.52 16.68 17.28
N GLU A 62 7.49 18.01 17.25
CA GLU A 62 8.06 18.84 18.32
C GLU A 62 7.33 18.61 19.64
N ILE A 63 6.00 18.69 19.59
CA ILE A 63 5.19 18.46 20.81
C ILE A 63 5.37 17.03 21.34
N ARG A 64 5.33 16.04 20.46
CA ARG A 64 5.56 14.64 20.87
C ARG A 64 6.89 14.45 21.61
N LYS A 65 7.98 15.02 21.09
CA LYS A 65 9.28 14.92 21.75
C LYS A 65 9.26 15.56 23.15
N LYS A 66 8.68 16.76 23.25
CA LYS A 66 8.62 17.50 24.51
C LYS A 66 7.89 16.70 25.59
N ILE A 67 6.72 16.17 25.21
CA ILE A 67 5.91 15.34 26.11
C ILE A 67 6.59 14.01 26.41
N TYR A 68 7.21 13.40 25.40
CA TYR A 68 8.03 12.20 25.63
C TYR A 68 9.07 12.42 26.72
N GLN A 69 9.82 13.51 26.60
CA GLN A 69 10.82 13.86 27.60
C GLN A 69 10.17 14.04 28.98
N LYS A 70 9.09 14.84 29.03
CA LYS A 70 8.35 15.09 30.28
C LYS A 70 7.88 13.80 30.94
N ILE A 71 7.16 12.97 30.18
CA ILE A 71 6.63 11.70 30.70
C ILE A 71 7.73 10.72 31.10
N SER A 72 8.76 10.61 30.27
CA SER A 72 9.88 9.72 30.52
C SER A 72 10.66 10.12 31.79
N GLU A 73 10.67 11.43 32.06
CA GLU A 73 11.27 11.97 33.28
C GLU A 73 10.42 11.66 34.49
N ASN A 74 9.10 11.80 34.33
CA ASN A 74 8.14 11.55 35.42
C ASN A 74 7.96 10.07 35.74
N GLY A 75 8.81 9.21 35.17
CA GLY A 75 8.87 7.80 35.54
C GLY A 75 8.16 6.74 34.69
N PHE A 76 7.30 7.16 33.76
CA PHE A 76 6.48 6.23 32.96
C PHE A 76 7.28 5.49 31.86
N LYS A 77 6.91 4.23 31.60
CA LYS A 77 7.44 3.46 30.47
C LYS A 77 6.62 3.78 29.22
N ILE A 78 7.30 4.24 28.18
CA ILE A 78 6.59 4.62 26.96
C ILE A 78 6.81 3.47 25.97
N VAL A 79 5.78 2.65 25.80
CA VAL A 79 5.86 1.46 24.96
C VAL A 79 5.78 1.81 23.48
N ASN A 80 6.11 0.83 22.63
CA ASN A 80 5.81 0.92 21.21
C ASN A 80 4.42 0.32 20.98
N LEU A 81 3.64 0.92 20.08
CA LEU A 81 2.38 0.34 19.64
C LEU A 81 2.59 -0.13 18.21
N ILE A 82 2.47 -1.44 18.02
CA ILE A 82 2.82 -2.09 16.74
C ILE A 82 1.67 -3.00 16.32
N HIS A 83 0.97 -2.62 15.26
CA HIS A 83 -0.15 -3.43 14.77
C HIS A 83 0.35 -4.81 14.33
N LYS A 84 -0.45 -5.84 14.60
CA LYS A 84 -0.08 -7.22 14.30
C LYS A 84 0.20 -7.48 12.82
N SER A 85 -0.36 -6.64 11.95
CA SER A 85 -0.17 -6.78 10.51
C SER A 85 1.11 -6.10 10.01
N ALA A 86 1.83 -5.38 10.87
CA ALA A 86 3.11 -4.82 10.43
C ALA A 86 4.12 -5.96 10.20
N LEU A 87 4.89 -5.85 9.12
CA LEU A 87 5.88 -6.87 8.82
C LEU A 87 7.26 -6.27 9.03
N ILE A 88 7.98 -6.84 9.99
CA ILE A 88 9.28 -6.31 10.39
C ILE A 88 10.36 -7.38 10.23
N SER A 89 11.35 -7.09 9.38
CA SER A 89 12.46 -8.01 9.18
C SER A 89 13.14 -8.39 10.51
N PRO A 90 13.49 -9.67 10.69
CA PRO A 90 14.22 -10.07 11.90
C PRO A 90 15.56 -9.34 12.06
N SER A 91 16.11 -8.81 10.96
CA SER A 91 17.36 -8.04 11.03
C SER A 91 17.15 -6.53 11.13
N ALA A 92 15.91 -6.08 11.04
CA ALA A 92 15.60 -4.67 11.29
C ALA A 92 15.75 -4.39 12.78
N ILE A 93 15.99 -3.13 13.12
CA ILE A 93 16.15 -2.72 14.52
C ILE A 93 15.10 -1.71 14.87
N VAL A 94 14.26 -2.05 15.83
CA VAL A 94 13.22 -1.13 16.30
C VAL A 94 13.48 -0.90 17.79
N GLU A 95 13.81 0.34 18.14
CA GLU A 95 14.17 0.68 19.51
C GLU A 95 13.06 0.22 20.45
N GLU A 96 13.41 -0.56 21.46
CA GLU A 96 12.43 -1.11 22.39
C GLU A 96 11.92 -0.05 23.35
N ASN A 97 10.64 -0.15 23.71
CA ASN A 97 10.02 0.79 24.64
C ASN A 97 10.45 2.23 24.36
N ALA A 98 10.11 2.72 23.18
CA ALA A 98 10.59 4.02 22.71
C ALA A 98 9.49 4.82 22.03
N GLY A 99 8.25 4.54 22.41
CA GLY A 99 7.11 5.34 21.95
C GLY A 99 6.92 5.39 20.44
N ILE A 100 7.32 4.31 19.78
CA ILE A 100 7.20 4.22 18.31
C ILE A 100 5.81 3.69 17.95
N LEU A 101 5.17 4.32 16.98
CA LEU A 101 3.92 3.80 16.42
C LEU A 101 4.17 3.15 15.07
N ILE A 102 3.71 1.91 14.94
CA ILE A 102 3.77 1.19 13.66
C ILE A 102 2.35 0.73 13.31
N MET A 103 1.78 1.39 12.32
CA MET A 103 0.38 1.21 11.91
C MET A 103 0.17 -0.03 11.03
N PRO A 104 -1.11 -0.34 10.69
CA PRO A 104 -1.32 -1.53 9.88
C PRO A 104 -0.61 -1.54 8.54
N TYR A 105 -0.20 -2.74 8.14
CA TYR A 105 0.37 -3.00 6.82
C TYR A 105 1.65 -2.22 6.50
N VAL A 106 2.28 -1.70 7.53
CA VAL A 106 3.65 -1.16 7.41
C VAL A 106 4.62 -2.32 7.17
N VAL A 107 5.60 -2.11 6.29
CA VAL A 107 6.65 -3.08 6.05
C VAL A 107 8.00 -2.42 6.35
N ILE A 108 8.81 -3.10 7.14
CA ILE A 108 10.17 -2.63 7.46
C ILE A 108 11.13 -3.76 7.07
N ASN A 109 11.97 -3.49 6.07
CA ASN A 109 12.81 -4.54 5.50
C ASN A 109 14.21 -4.63 6.12
N ALA A 110 15.02 -5.53 5.58
CA ALA A 110 16.25 -5.98 6.25
C ALA A 110 17.18 -4.84 6.65
N LYS A 111 17.66 -4.91 7.90
CA LYS A 111 18.67 -3.98 8.45
C LYS A 111 18.26 -2.51 8.59
N ALA A 112 16.99 -2.19 8.32
CA ALA A 112 16.49 -0.84 8.58
C ALA A 112 16.46 -0.56 10.08
N LYS A 113 16.63 0.70 10.45
CA LYS A 113 16.64 1.11 11.85
C LYS A 113 15.58 2.17 12.10
N ILE A 114 14.75 1.93 13.10
CA ILE A 114 13.69 2.86 13.49
C ILE A 114 14.03 3.40 14.88
N GLU A 115 14.20 4.71 14.96
CA GLU A 115 14.60 5.34 16.22
C GLU A 115 13.39 5.75 17.08
N LYS A 116 13.66 6.19 18.31
CA LYS A 116 12.60 6.52 19.28
C LYS A 116 11.63 7.59 18.81
N GLY A 117 10.36 7.43 19.18
CA GLY A 117 9.33 8.41 18.91
C GLY A 117 8.88 8.53 17.46
N VAL A 118 9.36 7.64 16.60
CA VAL A 118 8.93 7.63 15.18
C VAL A 118 7.47 7.20 15.04
N ILE A 119 6.77 7.79 14.06
CA ILE A 119 5.49 7.29 13.59
C ILE A 119 5.73 6.69 12.20
N LEU A 120 5.38 5.42 12.04
CA LEU A 120 5.24 4.85 10.70
C LEU A 120 3.76 4.63 10.46
N ASN A 121 3.17 5.49 9.65
CA ASN A 121 1.71 5.47 9.51
C ASN A 121 1.22 4.42 8.52
N THR A 122 -0.11 4.31 8.39
CA THR A 122 -0.73 3.20 7.65
C THR A 122 -0.11 2.96 6.27
N SER A 123 0.29 1.71 6.04
CA SER A 123 0.79 1.27 4.74
C SER A 123 2.07 1.96 4.27
N SER A 124 2.79 2.59 5.20
CA SER A 124 4.11 3.10 4.82
C SER A 124 5.10 1.96 4.61
N VAL A 125 6.18 2.24 3.88
CA VAL A 125 7.22 1.21 3.66
C VAL A 125 8.60 1.77 3.94
N ILE A 126 9.38 1.04 4.74
CA ILE A 126 10.76 1.39 5.05
C ILE A 126 11.65 0.28 4.47
N GLU A 127 12.34 0.61 3.39
CA GLU A 127 13.11 -0.40 2.68
C GLU A 127 14.39 -0.77 3.40
N HIS A 128 15.07 -1.79 2.89
CA HIS A 128 16.28 -2.29 3.54
C HIS A 128 17.30 -1.18 3.81
N GLU A 129 17.88 -1.22 5.01
CA GLU A 129 19.05 -0.41 5.37
C GLU A 129 18.74 1.06 5.54
N CYS A 130 17.47 1.43 5.56
CA CYS A 130 17.11 2.81 5.93
C CYS A 130 17.44 3.10 7.38
N VAL A 131 17.58 4.39 7.67
CA VAL A 131 17.66 4.85 9.06
C VAL A 131 16.58 5.93 9.18
N ILE A 132 15.63 5.74 10.09
CA ILE A 132 14.58 6.71 10.32
C ILE A 132 14.80 7.41 11.66
N GLY A 133 15.17 8.69 11.58
CA GLY A 133 15.64 9.44 12.76
C GLY A 133 14.56 9.71 13.80
N GLU A 134 14.98 9.85 15.05
CA GLU A 134 14.02 10.02 16.17
C GLU A 134 12.98 11.10 15.96
N PHE A 135 11.78 10.82 16.44
CA PHE A 135 10.62 11.70 16.34
C PHE A 135 10.27 12.14 14.92
N SER A 136 10.61 11.30 13.94
CA SER A 136 10.14 11.53 12.58
C SER A 136 8.75 10.92 12.39
N HIS A 137 8.04 11.42 11.38
CA HIS A 137 6.70 10.96 11.04
C HIS A 137 6.70 10.61 9.55
N VAL A 138 6.61 9.31 9.28
CA VAL A 138 6.46 8.80 7.92
C VAL A 138 4.95 8.57 7.74
N SER A 139 4.32 9.40 6.91
CA SER A 139 2.85 9.47 6.83
C SER A 139 2.28 8.30 6.05
N VAL A 140 0.95 8.31 5.91
CA VAL A 140 0.21 7.23 5.27
C VAL A 140 0.70 7.02 3.83
N GLY A 141 1.09 5.78 3.53
CA GLY A 141 1.53 5.43 2.20
C GLY A 141 2.87 6.00 1.75
N ALA A 142 3.58 6.69 2.64
CA ALA A 142 4.91 7.23 2.34
C ALA A 142 5.92 6.10 2.29
N LYS A 143 6.84 6.16 1.34
CA LYS A 143 7.75 5.04 1.09
C LYS A 143 9.18 5.51 0.95
N CYS A 144 10.08 4.90 1.71
CA CYS A 144 11.50 5.19 1.61
C CYS A 144 12.17 4.03 0.91
N ALA A 145 12.90 4.31 -0.18
CA ALA A 145 13.61 3.23 -0.87
C ALA A 145 14.87 2.81 -0.09
N GLY A 146 15.64 1.86 -0.61
CA GLY A 146 16.74 1.30 0.17
C GLY A 146 17.80 2.33 0.52
N ASN A 147 18.38 2.18 1.71
CA ASN A 147 19.53 3.00 2.15
CA ASN A 147 19.52 3.00 2.16
C ASN A 147 19.22 4.50 2.27
N VAL A 148 17.97 4.82 2.59
CA VAL A 148 17.56 6.21 2.79
C VAL A 148 17.76 6.55 4.26
N LYS A 149 18.30 7.74 4.51
CA LYS A 149 18.51 8.24 5.86
C LYS A 149 17.58 9.43 6.02
N ILE A 150 16.62 9.28 6.92
CA ILE A 150 15.69 10.36 7.26
C ILE A 150 16.16 10.96 8.59
N GLY A 151 16.39 12.28 8.60
CA GLY A 151 16.90 12.96 9.79
C GLY A 151 15.91 12.98 10.93
N LYS A 152 16.36 13.44 12.11
CA LYS A 152 15.48 13.67 13.25
C LYS A 152 14.36 14.64 12.92
N ASN A 153 13.18 14.41 13.50
CA ASN A 153 12.04 15.32 13.43
C ASN A 153 11.52 15.62 12.04
N CYS A 154 11.81 14.74 11.08
CA CYS A 154 11.31 14.93 9.72
C CYS A 154 9.85 14.51 9.58
N PHE A 155 9.19 15.06 8.56
CA PHE A 155 7.81 14.72 8.26
C PHE A 155 7.71 14.40 6.80
N LEU A 156 7.34 13.16 6.48
CA LEU A 156 7.15 12.76 5.09
C LEU A 156 5.66 12.65 4.86
N GLY A 157 5.15 13.48 3.96
CA GLY A 157 3.72 13.62 3.77
C GLY A 157 3.05 12.41 3.15
N ILE A 158 1.71 12.42 3.17
CA ILE A 158 0.93 11.31 2.61
C ILE A 158 1.38 10.96 1.20
N ASN A 159 1.60 9.67 0.95
CA ASN A 159 1.98 9.19 -0.38
C ASN A 159 3.25 9.77 -0.99
N SER A 160 4.14 10.30 -0.14
CA SER A 160 5.41 10.81 -0.63
C SER A 160 6.39 9.66 -0.75
N CYS A 161 7.52 9.89 -1.43
CA CYS A 161 8.55 8.87 -1.50
C CYS A 161 9.93 9.46 -1.63
N VAL A 162 10.94 8.66 -1.27
CA VAL A 162 12.34 9.07 -1.35
C VAL A 162 13.08 7.98 -2.13
N LEU A 163 13.80 8.39 -3.18
CA LEU A 163 14.57 7.44 -3.99
C LEU A 163 15.76 6.84 -3.20
N PRO A 164 16.34 5.73 -3.69
CA PRO A 164 17.37 5.03 -2.91
C PRO A 164 18.61 5.89 -2.64
N ASN A 165 19.28 5.61 -1.51
CA ASN A 165 20.59 6.15 -1.20
C ASN A 165 20.60 7.64 -0.84
N LEU A 166 19.42 8.22 -0.63
CA LEU A 166 19.30 9.66 -0.36
C LEU A 166 19.18 10.00 1.12
N SER A 167 19.57 11.22 1.47
CA SER A 167 19.44 11.70 2.84
C SER A 167 18.55 12.93 2.88
N LEU A 168 17.74 13.02 3.94
CA LEU A 168 16.91 14.20 4.22
C LEU A 168 17.33 14.79 5.56
N ALA A 169 17.68 16.08 5.56
CA ALA A 169 18.24 16.73 6.75
C ALA A 169 17.21 16.83 7.89
N ASP A 170 17.71 16.83 9.14
CA ASP A 170 16.89 17.04 10.32
C ASP A 170 15.88 18.16 10.10
N ASP A 171 14.69 17.98 10.70
CA ASP A 171 13.65 19.03 10.75
C ASP A 171 13.02 19.40 9.39
N SER A 172 13.11 18.50 8.41
CA SER A 172 12.59 18.78 7.07
C SER A 172 11.18 18.26 6.91
N ILE A 173 10.47 18.83 5.93
CA ILE A 173 9.16 18.35 5.50
C ILE A 173 9.23 17.97 4.03
N LEU A 174 8.79 16.76 3.73
CA LEU A 174 8.55 16.35 2.37
C LEU A 174 7.04 16.37 2.20
N GLY A 175 6.53 17.19 1.28
CA GLY A 175 5.09 17.42 1.19
C GLY A 175 4.30 16.17 0.77
N GLY A 176 2.99 16.19 1.01
CA GLY A 176 2.13 15.14 0.46
C GLY A 176 2.39 14.98 -1.03
N GLY A 177 2.51 13.73 -1.48
CA GLY A 177 2.68 13.41 -2.90
C GLY A 177 4.04 13.69 -3.50
N ALA A 178 4.99 14.17 -2.69
CA ALA A 178 6.29 14.59 -3.23
C ALA A 178 7.24 13.41 -3.48
N THR A 179 8.09 13.54 -4.50
CA THR A 179 9.09 12.53 -4.83
C THR A 179 10.47 13.15 -4.71
N LEU A 180 11.21 12.75 -3.68
CA LEU A 180 12.54 13.31 -3.45
C LEU A 180 13.57 12.53 -4.25
N VAL A 181 14.25 13.22 -5.17
CA VAL A 181 15.22 12.56 -6.07
C VAL A 181 16.68 13.03 -5.86
N LYS A 182 16.88 14.02 -4.99
CA LYS A 182 18.22 14.50 -4.64
C LYS A 182 18.45 14.56 -3.12
N ASN A 183 19.70 14.31 -2.69
CA ASN A 183 20.11 14.53 -1.31
C ASN A 183 19.76 15.94 -0.86
N GLN A 184 19.38 16.09 0.40
CA GLN A 184 19.21 17.41 1.01
C GLN A 184 19.94 17.51 2.33
N ASP A 185 21.03 18.29 2.34
CA ASP A 185 21.88 18.39 3.54
C ASP A 185 21.46 19.50 4.49
N GLU A 186 20.50 20.32 4.08
CA GLU A 186 19.92 21.35 4.96
C GLU A 186 18.40 21.28 5.08
N LYS A 187 17.89 21.69 6.24
CA LYS A 187 16.46 21.73 6.53
C LYS A 187 15.69 22.45 5.45
N GLY A 188 14.54 21.91 5.08
CA GLY A 188 13.67 22.57 4.13
C GLY A 188 12.29 21.97 4.05
N VAL A 189 11.49 22.56 3.18
CA VAL A 189 10.18 22.05 2.81
C VAL A 189 10.20 21.76 1.30
N PHE A 190 10.03 20.49 0.93
CA PHE A 190 10.22 20.04 -0.45
C PHE A 190 8.93 19.49 -1.01
N VAL A 191 8.48 20.03 -2.14
CA VAL A 191 7.18 19.65 -2.72
C VAL A 191 7.28 19.38 -4.21
N GLY A 192 6.44 18.45 -4.70
CA GLY A 192 6.36 18.22 -6.13
C GLY A 192 7.06 16.94 -6.60
N VAL A 193 6.88 16.63 -7.87
CA VAL A 193 7.53 15.53 -8.55
C VAL A 193 8.33 16.10 -9.73
N PRO A 194 9.67 16.25 -9.57
CA PRO A 194 10.46 15.89 -8.40
C PRO A 194 10.33 16.97 -7.34
N ALA A 195 10.67 16.64 -6.10
CA ALA A 195 10.46 17.55 -4.98
C ALA A 195 11.47 18.70 -4.99
N LYS A 196 10.97 19.91 -4.83
CA LYS A 196 11.81 21.12 -4.81
C LYS A 196 11.47 22.00 -3.63
N ARG A 197 12.46 22.76 -3.17
CA ARG A 197 12.28 23.75 -2.10
C ARG A 197 11.13 24.72 -2.30
N MET A 198 10.33 24.88 -1.25
CA MET A 198 9.36 25.95 -1.10
C MET A 198 10.00 27.04 -0.25
N ALA B 5 15.73 -35.64 2.06
CA ALA B 5 15.01 -35.10 0.89
C ALA B 5 14.13 -33.88 1.20
N ARG B 6 14.01 -33.45 2.45
CA ARG B 6 13.41 -32.13 2.72
C ARG B 6 14.16 -31.01 1.98
N THR B 7 13.40 -30.08 1.41
CA THR B 7 13.99 -28.93 0.73
C THR B 7 14.23 -27.84 1.76
N GLU B 8 15.50 -27.50 1.97
CA GLU B 8 15.89 -26.63 3.07
C GLU B 8 16.82 -25.50 2.66
N LYS B 9 17.63 -25.74 1.62
CA LYS B 9 18.69 -24.80 1.24
C LYS B 9 18.37 -24.08 -0.06
N ILE B 10 18.83 -22.85 -0.16
CA ILE B 10 18.70 -22.10 -1.41
C ILE B 10 19.91 -21.21 -1.64
N TYR B 11 20.40 -21.18 -2.87
CA TYR B 11 21.41 -20.21 -3.28
C TYR B 11 20.72 -18.92 -3.67
N ILE B 12 21.19 -17.82 -3.11
CA ILE B 12 20.72 -16.50 -3.50
C ILE B 12 21.87 -15.79 -4.18
N TYR B 13 21.75 -15.60 -5.48
CA TYR B 13 22.74 -14.88 -6.25
C TYR B 13 22.52 -13.37 -6.14
N GLY B 14 23.45 -12.69 -5.50
CA GLY B 14 23.35 -11.27 -5.25
C GLY B 14 23.49 -11.02 -3.77
N ALA B 15 24.72 -10.71 -3.36
CA ALA B 15 25.02 -10.43 -1.96
C ALA B 15 24.99 -8.92 -1.77
N SER B 16 23.77 -8.40 -1.71
CA SER B 16 23.51 -6.97 -1.61
C SER B 16 22.29 -6.77 -0.72
N GLY B 17 21.82 -5.53 -0.62
CA GLY B 17 20.54 -5.23 0.02
C GLY B 17 19.38 -6.02 -0.58
N HIS B 18 19.32 -6.08 -1.91
CA HIS B 18 18.31 -6.90 -2.61
C HIS B 18 18.45 -8.37 -2.18
N GLY B 19 19.67 -8.87 -2.08
CA GLY B 19 19.93 -10.20 -1.49
C GLY B 19 19.35 -10.42 -0.12
N LEU B 20 19.52 -9.44 0.78
CA LEU B 20 19.00 -9.56 2.14
C LEU B 20 17.48 -9.68 2.17
N VAL B 21 16.79 -8.87 1.35
CA VAL B 21 15.31 -8.93 1.35
C VAL B 21 14.84 -10.24 0.73
N CYS B 22 15.56 -10.73 -0.29
CA CYS B 22 15.23 -12.04 -0.87
C CYS B 22 15.40 -13.16 0.17
N GLU B 23 16.45 -13.08 0.98
CA GLU B 23 16.63 -14.04 2.06
C GLU B 23 15.43 -14.06 3.03
N ASP B 24 14.94 -12.88 3.40
CA ASP B 24 13.80 -12.79 4.32
C ASP B 24 12.57 -13.46 3.67
N VAL B 25 12.39 -13.28 2.36
CA VAL B 25 11.26 -13.96 1.68
C VAL B 25 11.46 -15.47 1.70
N ALA B 26 12.67 -15.92 1.38
CA ALA B 26 12.97 -17.35 1.37
C ALA B 26 12.71 -17.97 2.74
N LYS B 27 13.14 -17.28 3.80
CA LYS B 27 12.93 -17.77 5.15
C LYS B 27 11.46 -17.71 5.51
N ASN B 28 10.75 -16.68 5.04
CA ASN B 28 9.28 -16.65 5.21
C ASN B 28 8.61 -17.89 4.57
N MET B 29 9.11 -18.31 3.41
CA MET B 29 8.61 -19.49 2.70
C MET B 29 9.05 -20.81 3.33
N GLY B 30 9.94 -20.75 4.29
CA GLY B 30 10.32 -21.95 5.02
C GLY B 30 11.67 -22.56 4.71
N TYR B 31 12.46 -21.92 3.84
CA TYR B 31 13.86 -22.33 3.68
C TYR B 31 14.61 -22.10 4.99
N LYS B 32 15.53 -23.01 5.29
CA LYS B 32 16.29 -22.96 6.54
C LYS B 32 17.64 -22.27 6.37
N GLU B 33 18.24 -22.41 5.20
CA GLU B 33 19.60 -21.97 4.95
C GLU B 33 19.67 -21.24 3.62
N CYS B 34 20.24 -20.05 3.63
CA CYS B 34 20.44 -19.28 2.40
C CYS B 34 21.94 -19.13 2.15
N ILE B 35 22.38 -19.56 0.98
CA ILE B 35 23.79 -19.49 0.62
C ILE B 35 23.95 -18.40 -0.43
N PHE B 36 24.55 -17.29 -0.04
CA PHE B 36 24.77 -16.22 -1.00
C PHE B 36 25.89 -16.54 -1.99
N LEU B 37 25.65 -16.19 -3.25
CA LEU B 37 26.64 -16.25 -4.33
C LEU B 37 26.77 -14.87 -4.95
N ASP B 38 27.99 -14.51 -5.34
CA ASP B 38 28.23 -13.31 -6.12
C ASP B 38 29.63 -13.41 -6.72
N ASP B 39 30.00 -12.41 -7.51
CA ASP B 39 31.29 -12.42 -8.19
C ASP B 39 32.41 -11.97 -7.26
N PHE B 40 32.61 -12.71 -6.18
CA PHE B 40 33.69 -12.47 -5.21
C PHE B 40 34.35 -13.79 -4.86
N LYS B 41 35.66 -13.75 -4.62
CA LYS B 41 36.40 -14.96 -4.23
C LYS B 41 35.70 -15.74 -3.11
N GLY B 42 35.50 -17.04 -3.31
CA GLY B 42 34.93 -17.88 -2.28
C GLY B 42 33.43 -18.07 -2.36
N MET B 43 32.76 -17.27 -3.20
CA MET B 43 31.29 -17.36 -3.28
C MET B 43 30.76 -17.28 -4.70
N LYS B 44 31.61 -17.59 -5.68
CA LYS B 44 31.20 -17.47 -7.07
C LYS B 44 30.25 -18.58 -7.48
N PHE B 45 29.39 -18.29 -8.45
CA PHE B 45 28.65 -19.36 -9.09
C PHE B 45 29.64 -20.25 -9.84
N GLU B 46 29.48 -21.56 -9.68
CA GLU B 46 30.20 -22.55 -10.47
C GLU B 46 29.26 -23.64 -10.97
N SER B 47 29.55 -24.14 -12.18
CA SER B 47 28.75 -25.19 -12.84
C SER B 47 28.54 -26.41 -11.98
N THR B 48 29.57 -26.75 -11.20
CA THR B 48 29.53 -27.94 -10.35
C THR B 48 29.18 -27.70 -8.87
N LEU B 49 28.58 -26.55 -8.55
CA LEU B 49 28.01 -26.38 -7.22
C LEU B 49 27.02 -27.53 -6.93
N PRO B 50 26.97 -28.00 -5.67
CA PRO B 50 25.97 -29.01 -5.32
C PRO B 50 24.56 -28.47 -5.63
N LYS B 51 23.68 -29.30 -6.18
CA LYS B 51 22.36 -28.83 -6.59
C LYS B 51 21.45 -28.52 -5.42
N TYR B 52 21.04 -27.25 -5.34
CA TYR B 52 19.96 -26.75 -4.50
C TYR B 52 19.20 -25.74 -5.35
N ASP B 53 18.00 -25.37 -4.93
CA ASP B 53 17.23 -24.27 -5.57
C ASP B 53 18.08 -23.01 -5.65
N PHE B 54 17.87 -22.22 -6.70
CA PHE B 54 18.54 -20.91 -6.86
C PHE B 54 17.51 -19.78 -6.91
N PHE B 55 17.96 -18.57 -6.54
CA PHE B 55 17.21 -17.36 -6.85
C PHE B 55 18.22 -16.30 -7.27
N ILE B 56 17.83 -15.46 -8.24
CA ILE B 56 18.71 -14.36 -8.65
C ILE B 56 18.22 -13.04 -8.06
N ALA B 57 18.93 -12.56 -7.05
CA ALA B 57 18.57 -11.36 -6.30
C ALA B 57 19.40 -10.20 -6.83
N ILE B 58 19.19 -9.88 -8.10
CA ILE B 58 19.88 -8.78 -8.76
C ILE B 58 18.83 -7.83 -9.26
N GLY B 59 18.86 -6.59 -8.76
CA GLY B 59 17.87 -5.59 -9.17
C GLY B 59 17.98 -5.15 -10.63
N ASN B 60 19.21 -5.00 -11.12
CA ASN B 60 19.43 -4.60 -12.50
C ASN B 60 18.83 -5.64 -13.46
N ASN B 61 17.86 -5.22 -14.28
CA ASN B 61 17.14 -6.16 -15.16
C ASN B 61 18.03 -6.91 -16.14
N GLU B 62 18.99 -6.20 -16.72
CA GLU B 62 19.85 -6.80 -17.75
C GLU B 62 20.80 -7.84 -17.17
N ILE B 63 21.38 -7.53 -16.01
CA ILE B 63 22.30 -8.46 -15.35
C ILE B 63 21.52 -9.65 -14.79
N ARG B 64 20.35 -9.37 -14.23
CA ARG B 64 19.50 -10.46 -13.71
C ARG B 64 19.21 -11.44 -14.83
N LYS B 65 18.88 -10.93 -16.02
CA LYS B 65 18.59 -11.79 -17.16
C LYS B 65 19.81 -12.64 -17.55
N LYS B 66 20.97 -12.00 -17.62
CA LYS B 66 22.22 -12.70 -17.97
C LYS B 66 22.55 -13.84 -16.99
N ILE B 67 22.40 -13.57 -15.69
CA ILE B 67 22.72 -14.58 -14.67
C ILE B 67 21.67 -15.69 -14.67
N TYR B 68 20.41 -15.31 -14.87
CA TYR B 68 19.32 -16.28 -15.06
C TYR B 68 19.64 -17.26 -16.19
N GLN B 69 20.02 -16.73 -17.35
CA GLN B 69 20.43 -17.56 -18.48
C GLN B 69 21.54 -18.51 -18.10
N LYS B 70 22.60 -17.98 -17.47
CA LYS B 70 23.75 -18.83 -17.10
C LYS B 70 23.38 -19.97 -16.15
N ILE B 71 22.65 -19.66 -15.09
CA ILE B 71 22.28 -20.65 -14.08
C ILE B 71 21.29 -21.66 -14.66
N SER B 72 20.29 -21.16 -15.39
CA SER B 72 19.33 -22.01 -16.10
C SER B 72 20.02 -23.02 -17.04
N GLU B 73 20.94 -22.53 -17.84
CA GLU B 73 21.66 -23.36 -18.82
C GLU B 73 22.58 -24.40 -18.18
N ASN B 74 22.86 -24.23 -16.89
CA ASN B 74 23.58 -25.24 -16.10
C ASN B 74 22.69 -26.30 -15.44
N GLY B 75 21.43 -26.30 -15.86
CA GLY B 75 20.46 -27.30 -15.43
C GLY B 75 19.94 -27.15 -14.01
N PHE B 76 20.06 -25.96 -13.43
CA PHE B 76 19.60 -25.69 -12.08
C PHE B 76 18.19 -25.10 -12.07
N LYS B 77 17.50 -25.21 -10.93
CA LYS B 77 16.14 -24.69 -10.78
C LYS B 77 16.19 -23.31 -10.16
N ILE B 78 15.57 -22.34 -10.84
CA ILE B 78 15.46 -20.99 -10.30
C ILE B 78 14.01 -20.82 -9.84
N VAL B 79 13.81 -20.87 -8.54
CA VAL B 79 12.46 -20.87 -7.98
C VAL B 79 11.87 -19.45 -7.98
N ASN B 80 10.60 -19.34 -7.68
CA ASN B 80 10.01 -18.03 -7.39
C ASN B 80 10.08 -17.83 -5.88
N LEU B 81 10.44 -16.62 -5.42
CA LEU B 81 10.33 -16.32 -4.00
C LEU B 81 9.10 -15.46 -3.82
N ILE B 82 8.10 -15.99 -3.12
CA ILE B 82 6.79 -15.33 -3.02
C ILE B 82 6.44 -15.24 -1.54
N HIS B 83 6.38 -14.02 -1.03
CA HIS B 83 6.03 -13.84 0.38
C HIS B 83 4.61 -14.33 0.66
N LYS B 84 4.40 -14.95 1.82
CA LYS B 84 3.10 -15.54 2.11
C LYS B 84 1.97 -14.51 2.24
N SER B 85 2.33 -13.24 2.42
CA SER B 85 1.35 -12.16 2.52
C SER B 85 0.92 -11.61 1.15
N ALA B 86 1.56 -12.06 0.07
CA ALA B 86 1.16 -11.67 -1.26
C ALA B 86 -0.21 -12.29 -1.55
N LEU B 87 -1.09 -11.49 -2.15
CA LEU B 87 -2.41 -12.01 -2.50
C LEU B 87 -2.48 -12.14 -3.99
N ILE B 88 -2.65 -13.38 -4.45
CA ILE B 88 -2.64 -13.70 -5.87
C ILE B 88 -3.95 -14.38 -6.28
N SER B 89 -4.71 -13.72 -7.16
CA SER B 89 -5.96 -14.28 -7.66
C SER B 89 -5.80 -15.70 -8.21
N PRO B 90 -6.78 -16.59 -7.94
CA PRO B 90 -6.73 -17.94 -8.51
C PRO B 90 -6.66 -17.98 -10.03
N SER B 91 -7.12 -16.91 -10.69
CA SER B 91 -7.11 -16.85 -12.15
C SER B 91 -5.90 -16.07 -12.71
N ALA B 92 -5.07 -15.52 -11.82
CA ALA B 92 -3.80 -14.91 -12.25
C ALA B 92 -2.82 -16.02 -12.65
N ILE B 93 -1.87 -15.68 -13.51
CA ILE B 93 -0.87 -16.63 -13.97
C ILE B 93 0.49 -16.09 -13.56
N VAL B 94 1.18 -16.83 -12.71
CA VAL B 94 2.54 -16.49 -12.33
C VAL B 94 3.40 -17.67 -12.80
N GLU B 95 4.30 -17.41 -13.74
CA GLU B 95 5.08 -18.48 -14.37
C GLU B 95 5.86 -19.25 -13.30
N GLU B 96 5.74 -20.58 -13.32
CA GLU B 96 6.28 -21.40 -12.26
C GLU B 96 7.78 -21.66 -12.41
N ASN B 97 8.50 -21.69 -11.29
CA ASN B 97 9.97 -21.84 -11.26
C ASN B 97 10.63 -20.91 -12.28
N ALA B 98 10.35 -19.62 -12.15
CA ALA B 98 10.75 -18.65 -13.17
C ALA B 98 11.46 -17.44 -12.57
N GLY B 99 12.04 -17.61 -11.38
CA GLY B 99 12.90 -16.58 -10.77
C GLY B 99 12.15 -15.28 -10.52
N ILE B 100 10.85 -15.39 -10.27
CA ILE B 100 10.02 -14.22 -9.98
C ILE B 100 10.10 -13.91 -8.48
N LEU B 101 10.28 -12.63 -8.14
CA LEU B 101 10.20 -12.18 -6.76
C LEU B 101 8.87 -11.48 -6.51
N ILE B 102 8.14 -11.95 -5.50
CA ILE B 102 6.91 -11.26 -5.09
C ILE B 102 7.00 -10.93 -3.60
N MET B 103 7.15 -9.65 -3.32
CA MET B 103 7.41 -9.13 -1.96
C MET B 103 6.14 -9.03 -1.09
N PRO B 104 6.33 -8.69 0.18
CA PRO B 104 5.21 -8.58 1.12
C PRO B 104 4.10 -7.70 0.57
N TYR B 105 2.87 -8.19 0.63
CA TYR B 105 1.69 -7.33 0.54
C TYR B 105 1.50 -6.79 -0.87
N VAL B 106 2.18 -7.40 -1.83
CA VAL B 106 1.77 -7.32 -3.22
C VAL B 106 0.40 -7.94 -3.44
N VAL B 107 -0.38 -7.33 -4.32
CA VAL B 107 -1.66 -7.92 -4.76
C VAL B 107 -1.64 -8.09 -6.28
N ILE B 108 -2.03 -9.27 -6.74
CA ILE B 108 -2.14 -9.56 -8.16
C ILE B 108 -3.57 -10.02 -8.42
N ASN B 109 -4.30 -9.25 -9.20
CA ASN B 109 -5.73 -9.50 -9.35
C ASN B 109 -6.07 -10.35 -10.58
N ALA B 110 -7.36 -10.67 -10.72
CA ALA B 110 -7.83 -11.68 -11.67
C ALA B 110 -7.22 -11.59 -13.06
N LYS B 111 -6.81 -12.74 -13.57
CA LYS B 111 -6.30 -12.88 -14.95
C LYS B 111 -5.02 -12.13 -15.35
N ALA B 112 -4.36 -11.43 -14.41
CA ALA B 112 -3.05 -10.81 -14.67
C ALA B 112 -2.03 -11.91 -14.94
N LYS B 113 -1.01 -11.59 -15.74
CA LYS B 113 0.05 -12.54 -16.05
C LYS B 113 1.40 -11.95 -15.66
N ILE B 114 2.15 -12.70 -14.87
CA ILE B 114 3.51 -12.32 -14.47
C ILE B 114 4.53 -13.25 -15.14
N GLU B 115 5.41 -12.67 -15.95
CA GLU B 115 6.37 -13.44 -16.75
C GLU B 115 7.68 -13.66 -15.99
N LYS B 116 8.56 -14.51 -16.55
CA LYS B 116 9.80 -14.89 -15.86
C LYS B 116 10.68 -13.72 -15.46
N GLY B 117 11.34 -13.87 -14.31
CA GLY B 117 12.36 -12.93 -13.85
C GLY B 117 11.83 -11.58 -13.39
N VAL B 118 10.51 -11.45 -13.30
CA VAL B 118 9.90 -10.21 -12.83
C VAL B 118 10.16 -9.97 -11.33
N ILE B 119 10.36 -8.71 -10.96
CA ILE B 119 10.32 -8.30 -9.56
C ILE B 119 9.04 -7.51 -9.30
N LEU B 120 8.25 -7.97 -8.32
CA LEU B 120 7.13 -7.18 -7.79
C LEU B 120 7.49 -6.81 -6.36
N ASN B 121 7.90 -5.56 -6.19
CA ASN B 121 8.47 -5.15 -4.91
C ASN B 121 7.38 -4.80 -3.90
N THR B 122 7.78 -4.53 -2.67
CA THR B 122 6.87 -4.37 -1.54
C THR B 122 5.67 -3.50 -1.87
N SER B 123 4.50 -4.04 -1.63
CA SER B 123 3.24 -3.30 -1.69
C SER B 123 2.88 -2.77 -3.07
N SER B 124 3.47 -3.36 -4.12
CA SER B 124 3.05 -3.07 -5.48
C SER B 124 1.70 -3.73 -5.76
N VAL B 125 0.99 -3.24 -6.77
CA VAL B 125 -0.30 -3.84 -7.12
C VAL B 125 -0.32 -4.04 -8.62
N ILE B 126 -0.69 -5.24 -9.04
CA ILE B 126 -0.91 -5.57 -10.46
C ILE B 126 -2.39 -5.84 -10.64
N GLU B 127 -3.10 -4.91 -11.29
CA GLU B 127 -4.54 -5.08 -11.44
C GLU B 127 -4.97 -6.15 -12.45
N HIS B 128 -6.26 -6.43 -12.45
CA HIS B 128 -6.80 -7.50 -13.28
C HIS B 128 -6.35 -7.33 -14.73
N GLU B 129 -6.00 -8.45 -15.35
CA GLU B 129 -5.72 -8.57 -16.78
C GLU B 129 -4.43 -7.88 -17.26
N CYS B 130 -3.58 -7.46 -16.33
CA CYS B 130 -2.27 -6.93 -16.69
C CYS B 130 -1.38 -8.01 -17.26
N VAL B 131 -0.40 -7.59 -18.06
CA VAL B 131 0.68 -8.49 -18.48
C VAL B 131 1.98 -7.79 -18.13
N ILE B 132 2.76 -8.43 -17.25
CA ILE B 132 4.01 -7.84 -16.81
C ILE B 132 5.15 -8.62 -17.47
N GLY B 133 5.81 -7.96 -18.42
CA GLY B 133 6.82 -8.58 -19.28
C GLY B 133 8.06 -9.08 -18.57
N GLU B 134 8.67 -10.12 -19.12
CA GLU B 134 9.84 -10.75 -18.51
C GLU B 134 10.94 -9.79 -18.10
N PHE B 135 11.55 -10.08 -16.95
CA PHE B 135 12.65 -9.29 -16.38
C PHE B 135 12.30 -7.82 -16.15
N SER B 136 11.02 -7.51 -16.00
CA SER B 136 10.60 -6.17 -15.55
C SER B 136 10.74 -6.03 -14.04
N HIS B 137 10.83 -4.80 -13.56
CA HIS B 137 10.92 -4.53 -12.13
C HIS B 137 9.85 -3.49 -11.82
N VAL B 138 8.85 -3.91 -11.04
CA VAL B 138 7.80 -3.04 -10.55
C VAL B 138 8.22 -2.73 -9.11
N SER B 139 8.62 -1.47 -8.88
CA SER B 139 9.22 -1.04 -7.61
C SER B 139 8.23 -0.93 -6.47
N VAL B 140 8.76 -0.60 -5.30
CA VAL B 140 7.96 -0.48 -4.08
C VAL B 140 6.80 0.47 -4.29
N GLY B 141 5.59 -0.02 -4.03
CA GLY B 141 4.39 0.79 -4.08
C GLY B 141 3.94 1.22 -5.48
N ALA B 142 4.59 0.71 -6.52
CA ALA B 142 4.19 1.03 -7.89
C ALA B 142 2.95 0.23 -8.22
N LYS B 143 2.05 0.83 -9.00
CA LYS B 143 0.75 0.21 -9.19
C LYS B 143 0.32 0.31 -10.65
N CYS B 144 -0.05 -0.83 -11.21
CA CYS B 144 -0.58 -0.90 -12.57
C CYS B 144 -2.07 -1.07 -12.54
N ALA B 145 -2.79 -0.18 -13.21
CA ALA B 145 -4.24 -0.29 -13.31
C ALA B 145 -4.64 -1.45 -14.24
N GLY B 146 -5.95 -1.65 -14.45
CA GLY B 146 -6.43 -2.82 -15.17
C GLY B 146 -5.95 -2.85 -16.61
N ASN B 147 -5.69 -4.06 -17.11
CA ASN B 147 -5.34 -4.28 -18.52
CA ASN B 147 -5.35 -4.28 -18.51
C ASN B 147 -4.13 -3.48 -19.00
N VAL B 148 -3.14 -3.33 -18.12
CA VAL B 148 -1.91 -2.63 -18.49
C VAL B 148 -0.88 -3.63 -18.98
N LYS B 149 -0.19 -3.30 -20.07
CA LYS B 149 0.84 -4.16 -20.64
C LYS B 149 2.22 -3.53 -20.44
N ILE B 150 2.99 -4.13 -19.53
CA ILE B 150 4.36 -3.68 -19.27
C ILE B 150 5.32 -4.50 -20.11
N GLY B 151 6.14 -3.81 -20.91
CA GLY B 151 7.10 -4.47 -21.79
C GLY B 151 8.17 -5.23 -21.04
N LYS B 152 8.87 -6.10 -21.76
CA LYS B 152 10.03 -6.77 -21.19
C LYS B 152 11.08 -5.77 -20.70
N ASN B 153 11.75 -6.13 -19.61
CA ASN B 153 12.89 -5.38 -19.09
C ASN B 153 12.55 -3.96 -18.63
N CYS B 154 11.28 -3.66 -18.41
CA CYS B 154 10.88 -2.32 -17.93
C CYS B 154 11.18 -2.12 -16.47
N PHE B 155 11.26 -0.86 -16.06
CA PHE B 155 11.49 -0.52 -14.66
C PHE B 155 10.45 0.54 -14.29
N LEU B 156 9.59 0.22 -13.33
CA LEU B 156 8.61 1.19 -12.83
C LEU B 156 9.09 1.62 -11.47
N GLY B 157 9.41 2.90 -11.34
CA GLY B 157 10.02 3.41 -10.12
C GLY B 157 9.12 3.47 -8.89
N ILE B 158 9.72 3.77 -7.75
CA ILE B 158 8.99 3.81 -6.47
C ILE B 158 7.75 4.70 -6.56
N ASN B 159 6.62 4.17 -6.11
CA ASN B 159 5.36 4.89 -6.08
C ASN B 159 4.87 5.47 -7.42
N SER B 160 5.33 4.86 -8.52
CA SER B 160 4.82 5.21 -9.84
C SER B 160 3.51 4.49 -10.09
N CYS B 161 2.80 4.92 -11.12
CA CYS B 161 1.59 4.21 -11.49
C CYS B 161 1.31 4.34 -12.97
N VAL B 162 0.48 3.43 -13.48
CA VAL B 162 0.11 3.41 -14.88
C VAL B 162 -1.40 3.32 -14.95
N LEU B 163 -2.02 4.22 -15.70
CA LEU B 163 -3.48 4.21 -15.85
C LEU B 163 -3.99 3.03 -16.69
N PRO B 164 -5.30 2.71 -16.65
CA PRO B 164 -5.84 1.52 -17.31
C PRO B 164 -5.62 1.45 -18.82
N ASN B 165 -5.50 0.23 -19.34
CA ASN B 165 -5.48 -0.04 -20.79
C ASN B 165 -4.27 0.54 -21.52
N LEU B 166 -3.20 0.84 -20.79
CA LEU B 166 -2.01 1.43 -21.40
C LEU B 166 -0.90 0.40 -21.60
N SER B 167 -0.02 0.69 -22.56
CA SER B 167 1.10 -0.18 -22.88
C SER B 167 2.40 0.59 -22.79
N LEU B 168 3.40 -0.04 -22.18
CA LEU B 168 4.72 0.54 -22.04
C LEU B 168 5.76 -0.27 -22.80
N ALA B 169 6.46 0.40 -23.72
CA ALA B 169 7.39 -0.29 -24.63
C ALA B 169 8.50 -1.01 -23.88
N ASP B 170 8.94 -2.14 -24.42
CA ASP B 170 10.11 -2.85 -23.90
C ASP B 170 11.27 -1.90 -23.56
N ASP B 171 11.95 -2.16 -22.45
CA ASP B 171 13.18 -1.43 -22.05
C ASP B 171 12.94 0.02 -21.65
N SER B 172 11.73 0.32 -21.15
CA SER B 172 11.43 1.68 -20.71
C SER B 172 11.62 1.84 -19.21
N ILE B 173 11.74 3.09 -18.77
CA ILE B 173 11.78 3.40 -17.35
C ILE B 173 10.68 4.41 -17.04
N LEU B 174 9.88 4.10 -16.04
CA LEU B 174 8.94 5.05 -15.49
C LEU B 174 9.57 5.50 -14.17
N GLY B 175 9.81 6.81 -14.08
CA GLY B 175 10.52 7.38 -12.93
C GLY B 175 9.76 7.21 -11.63
N GLY B 176 10.49 7.25 -10.51
CA GLY B 176 9.86 7.28 -9.19
C GLY B 176 8.82 8.39 -9.16
N GLY B 177 7.64 8.07 -8.62
CA GLY B 177 6.55 9.04 -8.52
C GLY B 177 5.82 9.41 -9.81
N ALA B 178 6.25 8.85 -10.95
CA ALA B 178 5.62 9.18 -12.23
C ALA B 178 4.25 8.54 -12.42
N THR B 179 3.37 9.26 -13.12
CA THR B 179 2.05 8.74 -13.46
C THR B 179 1.89 8.66 -14.98
N LEU B 180 1.91 7.45 -15.50
CA LEU B 180 1.81 7.25 -16.95
C LEU B 180 0.36 7.33 -17.39
N VAL B 181 0.08 8.32 -18.24
CA VAL B 181 -1.32 8.56 -18.66
C VAL B 181 -1.58 8.28 -20.14
N LYS B 182 -0.52 8.00 -20.90
CA LYS B 182 -0.66 7.64 -22.31
C LYS B 182 0.24 6.47 -22.68
N ASN B 183 -0.17 5.71 -23.69
CA ASN B 183 0.67 4.67 -24.29
C ASN B 183 2.04 5.18 -24.71
N GLN B 184 3.05 4.34 -24.57
CA GLN B 184 4.39 4.66 -25.06
C GLN B 184 4.89 3.45 -25.83
N ASP B 185 4.83 3.51 -27.16
CA ASP B 185 5.37 2.39 -27.91
C ASP B 185 6.78 2.62 -28.43
N GLU B 186 7.36 3.79 -28.10
CA GLU B 186 8.79 4.01 -28.26
C GLU B 186 9.45 4.15 -26.89
N LYS B 187 10.39 3.25 -26.61
CA LYS B 187 11.06 3.20 -25.31
C LYS B 187 11.70 4.52 -24.92
N GLY B 188 11.78 4.77 -23.62
CA GLY B 188 12.39 5.98 -23.11
C GLY B 188 12.33 6.00 -21.60
N VAL B 189 12.65 7.14 -21.02
CA VAL B 189 12.55 7.41 -19.59
C VAL B 189 11.46 8.46 -19.39
N PHE B 190 10.43 8.13 -18.61
CA PHE B 190 9.24 8.95 -18.48
C PHE B 190 9.09 9.39 -17.03
N VAL B 191 9.06 10.70 -16.80
CA VAL B 191 9.06 11.25 -15.44
C VAL B 191 7.96 12.30 -15.25
N GLY B 192 7.51 12.44 -14.00
CA GLY B 192 6.53 13.47 -13.62
C GLY B 192 5.07 13.04 -13.60
N VAL B 193 4.23 13.97 -13.14
CA VAL B 193 2.78 13.78 -13.15
C VAL B 193 2.18 14.89 -14.02
N PRO B 194 1.81 14.58 -15.28
CA PRO B 194 1.87 13.25 -15.91
C PRO B 194 3.27 12.94 -16.44
N ALA B 195 3.53 11.66 -16.71
CA ALA B 195 4.85 11.21 -17.13
C ALA B 195 5.18 11.68 -18.55
N LYS B 196 6.33 12.33 -18.68
CA LYS B 196 6.78 12.88 -19.96
C LYS B 196 8.17 12.36 -20.26
N ARG B 197 8.45 12.11 -21.54
CA ARG B 197 9.77 11.66 -21.95
C ARG B 197 10.87 12.61 -21.53
N MET B 198 11.91 12.05 -20.92
CA MET B 198 13.07 12.78 -20.46
C MET B 198 14.02 13.03 -21.63
N ALA C 5 -27.05 -16.41 6.95
CA ALA C 5 -27.31 -14.97 6.61
C ALA C 5 -27.01 -14.69 5.14
N ARG C 6 -25.75 -14.79 4.71
CA ARG C 6 -25.49 -14.75 3.27
C ARG C 6 -26.09 -15.98 2.56
N THR C 7 -26.56 -15.77 1.34
CA THR C 7 -27.04 -16.87 0.50
C THR C 7 -25.87 -17.72 -0.04
N GLU C 8 -26.15 -18.95 -0.47
CA GLU C 8 -25.11 -19.82 -1.04
C GLU C 8 -24.58 -19.28 -2.37
N LYS C 9 -25.46 -18.62 -3.12
CA LYS C 9 -25.12 -18.04 -4.41
C LYS C 9 -25.18 -16.52 -4.33
N ILE C 10 -24.43 -15.84 -5.20
CA ILE C 10 -24.53 -14.40 -5.34
C ILE C 10 -24.62 -14.04 -6.84
N TYR C 11 -25.50 -13.10 -7.16
CA TYR C 11 -25.57 -12.55 -8.51
C TYR C 11 -24.65 -11.35 -8.57
N ILE C 12 -23.71 -11.38 -9.50
CA ILE C 12 -22.83 -10.25 -9.67
C ILE C 12 -23.19 -9.59 -10.99
N TYR C 13 -23.70 -8.37 -10.91
CA TYR C 13 -24.07 -7.65 -12.12
C TYR C 13 -22.87 -6.89 -12.66
N GLY C 14 -22.39 -7.33 -13.82
CA GLY C 14 -21.15 -6.80 -14.37
C GLY C 14 -20.20 -7.90 -14.80
N ALA C 15 -20.38 -8.38 -16.03
CA ALA C 15 -19.58 -9.48 -16.55
C ALA C 15 -18.27 -8.97 -17.16
N SER C 16 -17.49 -8.26 -16.35
CA SER C 16 -16.33 -7.54 -16.86
C SER C 16 -15.11 -7.76 -15.97
N GLY C 17 -14.05 -6.99 -16.22
CA GLY C 17 -12.88 -7.01 -15.37
C GLY C 17 -13.21 -6.73 -13.92
N HIS C 18 -13.93 -5.64 -13.68
CA HIS C 18 -14.43 -5.33 -12.34
C HIS C 18 -15.25 -6.52 -11.78
N GLY C 19 -16.05 -7.17 -12.63
CA GLY C 19 -16.79 -8.39 -12.23
C GLY C 19 -15.90 -9.51 -11.71
N LEU C 20 -14.79 -9.73 -12.41
CA LEU C 20 -13.82 -10.77 -12.02
C LEU C 20 -13.27 -10.53 -10.62
N VAL C 21 -12.88 -9.29 -10.33
CA VAL C 21 -12.29 -9.01 -9.00
C VAL C 21 -13.34 -9.11 -7.88
N CYS C 22 -14.56 -8.68 -8.18
CA CYS C 22 -15.68 -8.82 -7.23
C CYS C 22 -15.95 -10.29 -6.92
N GLU C 23 -15.89 -11.14 -7.94
CA GLU C 23 -16.04 -12.58 -7.76
C GLU C 23 -14.98 -13.13 -6.80
N ASP C 24 -13.74 -12.71 -6.96
CA ASP C 24 -12.69 -13.16 -6.03
C ASP C 24 -13.00 -12.75 -4.60
N VAL C 25 -13.50 -11.52 -4.42
CA VAL C 25 -13.89 -11.06 -3.06
C VAL C 25 -15.05 -11.88 -2.51
N ALA C 26 -16.07 -12.11 -3.34
CA ALA C 26 -17.21 -12.95 -2.93
C ALA C 26 -16.77 -14.35 -2.51
N LYS C 27 -15.88 -14.98 -3.29
CA LYS C 27 -15.34 -16.29 -2.90
C LYS C 27 -14.54 -16.19 -1.60
N ASN C 28 -13.77 -15.12 -1.42
CA ASN C 28 -13.04 -14.88 -0.17
C ASN C 28 -13.99 -14.83 1.03
N MET C 29 -15.16 -14.23 0.84
CA MET C 29 -16.18 -14.15 1.88
C MET C 29 -16.89 -15.47 2.18
N GLY C 30 -16.84 -16.43 1.26
CA GLY C 30 -17.43 -17.73 1.48
C GLY C 30 -18.56 -18.11 0.54
N TYR C 31 -18.93 -17.21 -0.38
CA TYR C 31 -19.93 -17.56 -1.39
C TYR C 31 -19.45 -18.76 -2.21
N LYS C 32 -20.34 -19.74 -2.41
CA LYS C 32 -20.00 -20.98 -3.12
C LYS C 32 -20.03 -20.82 -4.61
N GLU C 33 -20.99 -20.03 -5.08
CA GLU C 33 -21.20 -19.84 -6.52
C GLU C 33 -21.52 -18.38 -6.83
N CYS C 34 -20.87 -17.87 -7.87
CA CYS C 34 -21.14 -16.54 -8.39
C CYS C 34 -21.78 -16.67 -9.76
N ILE C 35 -22.89 -15.97 -9.96
CA ILE C 35 -23.60 -16.01 -11.23
C ILE C 35 -23.54 -14.61 -11.82
N PHE C 36 -22.88 -14.47 -12.97
CA PHE C 36 -22.78 -13.16 -13.61
C PHE C 36 -24.06 -12.83 -14.36
N LEU C 37 -24.50 -11.58 -14.19
CA LEU C 37 -25.57 -10.99 -14.97
C LEU C 37 -25.00 -9.81 -15.75
N ASP C 38 -25.48 -9.60 -16.97
CA ASP C 38 -25.00 -8.50 -17.78
C ASP C 38 -25.96 -8.36 -18.94
N ASP C 39 -26.54 -7.18 -19.12
CA ASP C 39 -27.61 -7.12 -20.11
C ASP C 39 -27.10 -7.12 -21.56
N PHE C 40 -25.79 -6.94 -21.74
CA PHE C 40 -25.20 -6.93 -23.08
C PHE C 40 -24.30 -8.12 -23.40
N LYS C 41 -23.68 -8.70 -22.37
CA LYS C 41 -22.62 -9.68 -22.58
C LYS C 41 -22.92 -11.11 -22.11
N GLY C 42 -24.01 -11.33 -21.37
CA GLY C 42 -24.38 -12.70 -20.98
C GLY C 42 -25.82 -12.90 -20.52
N MET C 43 -25.98 -13.54 -19.35
CA MET C 43 -27.28 -13.76 -18.73
C MET C 43 -27.92 -12.44 -18.28
N LYS C 44 -29.18 -12.23 -18.67
CA LYS C 44 -29.88 -10.98 -18.37
C LYS C 44 -30.40 -10.92 -16.93
N PHE C 45 -30.36 -9.71 -16.35
CA PHE C 45 -31.11 -9.48 -15.12
C PHE C 45 -32.62 -9.56 -15.43
N GLU C 46 -33.37 -10.22 -14.55
CA GLU C 46 -34.83 -10.23 -14.60
C GLU C 46 -35.34 -10.06 -13.17
N SER C 47 -36.42 -9.30 -13.00
CA SER C 47 -37.01 -9.08 -11.68
C SER C 47 -37.55 -10.38 -11.04
N THR C 48 -37.69 -11.41 -11.87
CA THR C 48 -38.24 -12.72 -11.47
C THR C 48 -37.17 -13.68 -10.92
N LEU C 49 -35.91 -13.25 -10.86
CA LEU C 49 -34.84 -14.11 -10.34
C LEU C 49 -35.04 -14.45 -8.86
N PRO C 50 -34.51 -15.60 -8.40
CA PRO C 50 -34.58 -15.88 -6.97
C PRO C 50 -33.85 -14.81 -6.15
N LYS C 51 -34.30 -14.60 -4.92
CA LYS C 51 -33.74 -13.55 -4.06
C LYS C 51 -32.39 -13.94 -3.45
N TYR C 52 -31.41 -14.26 -4.30
CA TYR C 52 -30.04 -14.43 -3.84
C TYR C 52 -29.46 -13.04 -3.58
N ASP C 53 -28.39 -12.99 -2.76
CA ASP C 53 -27.65 -11.75 -2.55
C ASP C 53 -27.21 -11.22 -3.92
N PHE C 54 -27.18 -9.90 -4.05
CA PHE C 54 -26.72 -9.22 -5.28
C PHE C 54 -25.48 -8.36 -5.03
N PHE C 55 -24.69 -8.15 -6.09
CA PHE C 55 -23.68 -7.11 -6.07
C PHE C 55 -23.62 -6.43 -7.42
N ILE C 56 -23.38 -5.12 -7.41
CA ILE C 56 -23.21 -4.35 -8.65
C ILE C 56 -21.72 -4.11 -8.91
N ALA C 57 -21.17 -4.89 -9.83
CA ALA C 57 -19.76 -4.84 -10.20
C ALA C 57 -19.55 -3.96 -11.43
N ILE C 58 -19.85 -2.69 -11.27
CA ILE C 58 -19.70 -1.71 -12.34
C ILE C 58 -18.87 -0.56 -11.79
N GLY C 59 -17.74 -0.27 -12.45
CA GLY C 59 -16.81 0.78 -12.02
C GLY C 59 -17.33 2.19 -12.19
N ASN C 60 -17.99 2.44 -13.32
CA ASN C 60 -18.58 3.73 -13.61
C ASN C 60 -19.62 4.11 -12.54
N ASN C 61 -19.39 5.22 -11.84
CA ASN C 61 -20.22 5.62 -10.69
C ASN C 61 -21.68 5.85 -11.05
N GLU C 62 -21.91 6.50 -12.19
CA GLU C 62 -23.26 6.86 -12.63
C GLU C 62 -24.06 5.62 -13.00
N ILE C 63 -23.46 4.73 -13.80
CA ILE C 63 -24.09 3.47 -14.18
C ILE C 63 -24.30 2.54 -12.97
N ARG C 64 -23.29 2.40 -12.11
CA ARG C 64 -23.46 1.60 -10.90
C ARG C 64 -24.66 2.09 -10.09
N LYS C 65 -24.79 3.41 -9.93
CA LYS C 65 -25.93 3.96 -9.21
C LYS C 65 -27.27 3.62 -9.88
N LYS C 66 -27.34 3.73 -11.20
CA LYS C 66 -28.56 3.46 -11.97
C LYS C 66 -28.98 2.00 -11.80
N ILE C 67 -28.01 1.09 -11.93
CA ILE C 67 -28.27 -0.33 -11.77
C ILE C 67 -28.59 -0.69 -10.31
N TYR C 68 -27.85 -0.10 -9.37
CA TYR C 68 -28.14 -0.30 -7.94
C TYR C 68 -29.60 0.03 -7.66
N GLN C 69 -30.05 1.18 -8.15
CA GLN C 69 -31.43 1.62 -7.99
C GLN C 69 -32.41 0.62 -8.60
N LYS C 70 -32.17 0.18 -9.82
CA LYS C 70 -33.05 -0.78 -10.47
C LYS C 70 -33.18 -2.08 -9.67
N ILE C 71 -32.05 -2.63 -9.26
CA ILE C 71 -32.04 -3.86 -8.48
C ILE C 71 -32.72 -3.71 -7.12
N SER C 72 -32.38 -2.64 -6.39
CA SER C 72 -32.95 -2.45 -5.06
C SER C 72 -34.46 -2.21 -5.14
N GLU C 73 -34.92 -1.54 -6.20
CA GLU C 73 -36.34 -1.25 -6.42
C GLU C 73 -37.14 -2.52 -6.77
N ASN C 74 -36.44 -3.58 -7.13
CA ASN C 74 -37.06 -4.87 -7.43
C ASN C 74 -36.98 -5.83 -6.24
N GLY C 75 -36.59 -5.30 -5.08
CA GLY C 75 -36.65 -6.03 -3.83
C GLY C 75 -35.50 -6.98 -3.58
N PHE C 76 -34.38 -6.76 -4.28
CA PHE C 76 -33.17 -7.56 -4.06
C PHE C 76 -32.27 -6.88 -3.04
N LYS C 77 -31.59 -7.70 -2.24
CA LYS C 77 -30.60 -7.28 -1.25
C LYS C 77 -29.24 -7.10 -1.94
N ILE C 78 -28.70 -5.90 -1.90
CA ILE C 78 -27.38 -5.66 -2.49
C ILE C 78 -26.37 -5.63 -1.34
N VAL C 79 -25.63 -6.73 -1.19
CA VAL C 79 -24.70 -6.90 -0.05
C VAL C 79 -23.41 -6.08 -0.22
N ASN C 80 -22.61 -6.02 0.85
CA ASN C 80 -21.26 -5.48 0.74
C ASN C 80 -20.33 -6.64 0.46
N LEU C 81 -19.35 -6.42 -0.42
CA LEU C 81 -18.29 -7.41 -0.61
C LEU C 81 -17.04 -6.82 0.00
N ILE C 82 -16.58 -7.45 1.09
CA ILE C 82 -15.48 -6.94 1.90
C ILE C 82 -14.45 -8.06 2.06
N HIS C 83 -13.26 -7.83 1.49
CA HIS C 83 -12.19 -8.82 1.58
C HIS C 83 -11.76 -8.99 3.06
N LYS C 84 -11.45 -10.22 3.43
CA LYS C 84 -11.09 -10.53 4.81
C LYS C 84 -9.83 -9.80 5.29
N SER C 85 -8.99 -9.39 4.35
CA SER C 85 -7.77 -8.65 4.68
C SER C 85 -8.01 -7.15 4.95
N ALA C 86 -9.22 -6.65 4.68
CA ALA C 86 -9.49 -5.26 4.97
C ALA C 86 -9.51 -5.06 6.47
N LEU C 87 -8.94 -3.94 6.93
CA LEU C 87 -8.93 -3.65 8.35
C LEU C 87 -9.82 -2.46 8.59
N ILE C 88 -10.84 -2.69 9.41
CA ILE C 88 -11.88 -1.70 9.62
C ILE C 88 -12.00 -1.43 11.12
N SER C 89 -11.82 -0.18 11.50
CA SER C 89 -11.89 0.21 12.91
C SER C 89 -13.30 -0.07 13.45
N PRO C 90 -13.38 -0.57 14.71
CA PRO C 90 -14.69 -0.82 15.35
C PRO C 90 -15.58 0.41 15.40
N SER C 91 -14.97 1.60 15.36
CA SER C 91 -15.72 2.84 15.41
C SER C 91 -16.01 3.43 14.03
N ALA C 92 -15.43 2.82 12.99
CA ALA C 92 -15.79 3.18 11.62
C ALA C 92 -17.23 2.74 11.33
N ILE C 93 -17.87 3.42 10.39
CA ILE C 93 -19.23 3.11 9.96
C ILE C 93 -19.20 2.70 8.50
N VAL C 94 -19.58 1.45 8.22
CA VAL C 94 -19.76 1.00 6.84
C VAL C 94 -21.25 0.66 6.70
N GLU C 95 -21.96 1.41 5.85
CA GLU C 95 -23.39 1.19 5.63
C GLU C 95 -23.65 -0.28 5.28
N GLU C 96 -24.54 -0.92 6.03
CA GLU C 96 -24.84 -2.35 5.86
C GLU C 96 -25.68 -2.62 4.60
N ASN C 97 -25.40 -3.75 3.95
CA ASN C 97 -26.11 -4.16 2.73
C ASN C 97 -26.32 -3.00 1.75
N ALA C 98 -25.22 -2.42 1.31
CA ALA C 98 -25.28 -1.19 0.54
C ALA C 98 -24.36 -1.21 -0.69
N GLY C 99 -24.09 -2.43 -1.19
CA GLY C 99 -23.32 -2.58 -2.42
C GLY C 99 -21.94 -1.95 -2.38
N ILE C 100 -21.34 -1.91 -1.19
CA ILE C 100 -19.99 -1.38 -1.01
C ILE C 100 -18.96 -2.45 -1.31
N LEU C 101 -17.96 -2.09 -2.10
CA LEU C 101 -16.82 -2.95 -2.36
C LEU C 101 -15.61 -2.49 -1.54
N ILE C 102 -15.05 -3.40 -0.75
CA ILE C 102 -13.80 -3.14 -0.01
C ILE C 102 -12.79 -4.20 -0.39
N MET C 103 -11.79 -3.79 -1.16
CA MET C 103 -10.82 -4.71 -1.75
C MET C 103 -9.70 -5.12 -0.77
N PRO C 104 -8.80 -6.03 -1.18
CA PRO C 104 -7.76 -6.45 -0.23
C PRO C 104 -6.87 -5.33 0.26
N TYR C 105 -6.44 -5.46 1.51
CA TYR C 105 -5.47 -4.58 2.15
C TYR C 105 -5.90 -3.12 2.26
N VAL C 106 -7.20 -2.90 2.18
CA VAL C 106 -7.77 -1.56 2.43
C VAL C 106 -7.78 -1.33 3.94
N VAL C 107 -7.49 -0.11 4.37
CA VAL C 107 -7.58 0.22 5.80
C VAL C 107 -8.54 1.39 6.00
N ILE C 108 -9.45 1.23 6.95
CA ILE C 108 -10.41 2.27 7.30
C ILE C 108 -10.29 2.54 8.80
N ASN C 109 -9.90 3.76 9.14
CA ASN C 109 -9.57 4.06 10.53
C ASN C 109 -10.73 4.70 11.30
N ALA C 110 -10.48 4.95 12.59
CA ALA C 110 -11.52 5.35 13.56
C ALA C 110 -12.45 6.46 13.09
N LYS C 111 -13.75 6.19 13.23
CA LYS C 111 -14.84 7.13 12.98
C LYS C 111 -15.05 7.51 11.52
N ALA C 112 -14.31 6.89 10.61
CA ALA C 112 -14.57 7.12 9.19
C ALA C 112 -15.93 6.52 8.80
N LYS C 113 -16.58 7.13 7.83
CA LYS C 113 -17.89 6.71 7.38
C LYS C 113 -17.85 6.39 5.90
N ILE C 114 -18.29 5.19 5.54
CA ILE C 114 -18.35 4.78 4.13
C ILE C 114 -19.80 4.61 3.75
N GLU C 115 -20.24 5.38 2.76
CA GLU C 115 -21.65 5.41 2.33
C GLU C 115 -21.93 4.38 1.23
N LYS C 116 -23.23 4.17 0.96
CA LYS C 116 -23.69 3.18 -0.02
C LYS C 116 -23.02 3.30 -1.40
N GLY C 117 -22.77 2.14 -2.02
CA GLY C 117 -22.29 2.08 -3.40
C GLY C 117 -20.84 2.50 -3.61
N VAL C 118 -20.11 2.76 -2.53
CA VAL C 118 -18.71 3.15 -2.64
C VAL C 118 -17.83 1.96 -3.11
N ILE C 119 -16.80 2.26 -3.89
CA ILE C 119 -15.70 1.31 -4.14
C ILE C 119 -14.45 1.81 -3.39
N LEU C 120 -13.89 0.95 -2.54
CA LEU C 120 -12.58 1.19 -1.97
C LEU C 120 -11.68 0.13 -2.59
N ASN C 121 -10.87 0.55 -3.54
CA ASN C 121 -10.11 -0.41 -4.33
C ASN C 121 -8.82 -0.85 -3.66
N THR C 122 -8.12 -1.79 -4.28
CA THR C 122 -6.99 -2.44 -3.64
C THR C 122 -6.02 -1.46 -2.96
N SER C 123 -5.73 -1.70 -1.68
CA SER C 123 -4.71 -0.97 -0.92
C SER C 123 -5.00 0.53 -0.77
N SER C 124 -6.25 0.94 -0.92
CA SER C 124 -6.60 2.32 -0.59
C SER C 124 -6.62 2.51 0.92
N VAL C 125 -6.52 3.75 1.38
CA VAL C 125 -6.58 4.03 2.82
C VAL C 125 -7.54 5.17 3.07
N ILE C 126 -8.45 4.94 4.02
CA ILE C 126 -9.39 5.96 4.47
C ILE C 126 -9.07 6.27 5.93
N GLU C 127 -8.50 7.44 6.16
CA GLU C 127 -8.00 7.75 7.49
C GLU C 127 -9.12 8.12 8.45
N HIS C 128 -8.77 8.30 9.72
CA HIS C 128 -9.77 8.59 10.76
C HIS C 128 -10.69 9.76 10.38
N GLU C 129 -11.97 9.59 10.70
CA GLU C 129 -12.99 10.64 10.59
C GLU C 129 -13.32 11.11 9.17
N CYS C 130 -12.86 10.37 8.15
CA CYS C 130 -13.28 10.69 6.78
C CYS C 130 -14.75 10.40 6.54
N VAL C 131 -15.31 11.08 5.54
CA VAL C 131 -16.63 10.69 5.03
C VAL C 131 -16.51 10.48 3.53
N ILE C 132 -16.82 9.26 3.11
CA ILE C 132 -16.72 8.93 1.71
C ILE C 132 -18.14 8.83 1.15
N GLY C 133 -18.50 9.81 0.35
CA GLY C 133 -19.87 9.97 -0.14
C GLY C 133 -20.35 8.88 -1.07
N GLU C 134 -21.66 8.62 -1.04
CA GLU C 134 -22.25 7.54 -1.81
C GLU C 134 -21.83 7.52 -3.28
N PHE C 135 -21.64 6.30 -3.75
CA PHE C 135 -21.24 6.00 -5.13
C PHE C 135 -19.93 6.62 -5.57
N SER C 136 -19.07 6.94 -4.61
CA SER C 136 -17.72 7.37 -4.94
C SER C 136 -16.83 6.16 -5.25
N HIS C 137 -15.74 6.41 -5.97
CA HIS C 137 -14.76 5.36 -6.26
C HIS C 137 -13.39 5.86 -5.80
N VAL C 138 -12.86 5.24 -4.76
CA VAL C 138 -11.49 5.49 -4.30
C VAL C 138 -10.62 4.39 -4.91
N SER C 139 -9.77 4.77 -5.87
CA SER C 139 -9.06 3.81 -6.71
C SER C 139 -7.91 3.13 -5.98
N VAL C 140 -7.25 2.24 -6.71
CA VAL C 140 -6.11 1.50 -6.19
C VAL C 140 -5.03 2.42 -5.66
N GLY C 141 -4.63 2.17 -4.40
CA GLY C 141 -3.59 2.94 -3.74
C GLY C 141 -3.93 4.39 -3.42
N ALA C 142 -5.16 4.81 -3.68
CA ALA C 142 -5.56 6.19 -3.35
C ALA C 142 -5.77 6.32 -1.85
N LYS C 143 -5.35 7.44 -1.26
CA LYS C 143 -5.36 7.58 0.19
C LYS C 143 -5.95 8.91 0.63
N CYS C 144 -6.89 8.85 1.55
CA CYS C 144 -7.48 10.05 2.13
C CYS C 144 -6.92 10.25 3.53
N ALA C 145 -6.34 11.42 3.77
CA ALA C 145 -5.84 11.76 5.10
C ALA C 145 -7.02 12.01 6.06
N GLY C 146 -6.72 12.34 7.31
CA GLY C 146 -7.75 12.44 8.35
C GLY C 146 -8.74 13.56 8.07
N ASN C 147 -10.01 13.30 8.40
CA ASN C 147 -11.07 14.33 8.32
CA ASN C 147 -11.05 14.34 8.34
C ASN C 147 -11.32 14.88 6.92
N VAL C 148 -11.13 14.02 5.92
CA VAL C 148 -11.39 14.34 4.54
C VAL C 148 -12.83 14.01 4.17
N LYS C 149 -13.47 14.94 3.46
CA LYS C 149 -14.84 14.76 2.99
C LYS C 149 -14.86 14.59 1.49
N ILE C 150 -15.20 13.39 1.04
CA ILE C 150 -15.32 13.10 -0.36
C ILE C 150 -16.79 13.12 -0.74
N GLY C 151 -17.11 13.95 -1.73
CA GLY C 151 -18.49 14.16 -2.17
C GLY C 151 -19.10 12.92 -2.79
N LYS C 152 -20.42 12.95 -2.96
CA LYS C 152 -21.11 11.92 -3.73
C LYS C 152 -20.54 11.80 -5.13
N ASN C 153 -20.51 10.56 -5.63
CA ASN C 153 -20.14 10.25 -7.01
C ASN C 153 -18.75 10.73 -7.42
N CYS C 154 -17.83 10.87 -6.47
CA CYS C 154 -16.47 11.28 -6.79
C CYS C 154 -15.62 10.10 -7.25
N PHE C 155 -14.56 10.40 -7.97
CA PHE C 155 -13.63 9.40 -8.47
C PHE C 155 -12.21 9.86 -8.13
N LEU C 156 -11.51 9.07 -7.31
CA LEU C 156 -10.14 9.40 -6.94
C LEU C 156 -9.30 8.37 -7.66
N GLY C 157 -8.46 8.84 -8.57
CA GLY C 157 -7.72 7.96 -9.47
C GLY C 157 -6.61 7.22 -8.77
N ILE C 158 -6.00 6.29 -9.50
CA ILE C 158 -4.93 5.45 -8.97
C ILE C 158 -3.80 6.26 -8.31
N ASN C 159 -3.42 5.86 -7.10
CA ASN C 159 -2.30 6.47 -6.38
C ASN C 159 -2.48 7.99 -6.11
N SER C 160 -3.72 8.47 -6.14
CA SER C 160 -4.02 9.85 -5.78
C SER C 160 -4.10 9.99 -4.25
N CYS C 161 -4.05 11.23 -3.76
CA CYS C 161 -4.21 11.42 -2.33
C CYS C 161 -4.80 12.79 -2.02
N VAL C 162 -5.40 12.89 -0.84
CA VAL C 162 -6.01 14.13 -0.35
C VAL C 162 -5.42 14.42 1.01
N LEU C 163 -4.91 15.63 1.18
CA LEU C 163 -4.38 16.11 2.44
C LEU C 163 -5.49 16.27 3.50
N PRO C 164 -5.10 16.34 4.79
CA PRO C 164 -6.10 16.36 5.87
C PRO C 164 -7.04 17.57 5.83
N ASN C 165 -8.25 17.34 6.34
CA ASN C 165 -9.25 18.38 6.61
C ASN C 165 -9.86 18.99 5.35
N LEU C 166 -9.65 18.36 4.19
CA LEU C 166 -10.12 18.89 2.91
C LEU C 166 -11.46 18.29 2.46
N SER C 167 -12.19 19.05 1.64
CA SER C 167 -13.44 18.58 1.06
C SER C 167 -13.36 18.65 -0.44
N LEU C 168 -13.94 17.65 -1.10
CA LEU C 168 -14.04 17.58 -2.54
C LEU C 168 -15.51 17.55 -2.94
N ALA C 169 -15.93 18.51 -3.75
CA ALA C 169 -17.33 18.64 -4.20
C ALA C 169 -17.85 17.39 -4.90
N ASP C 170 -19.15 17.11 -4.69
CA ASP C 170 -19.86 16.05 -5.45
C ASP C 170 -19.50 16.08 -6.92
N ASP C 171 -19.41 14.88 -7.51
CA ASP C 171 -19.19 14.70 -8.95
C ASP C 171 -17.84 15.19 -9.44
N SER C 172 -16.82 15.15 -8.57
CA SER C 172 -15.48 15.56 -8.97
C SER C 172 -14.63 14.35 -9.28
N ILE C 173 -13.58 14.58 -10.08
CA ILE C 173 -12.56 13.58 -10.36
C ILE C 173 -11.22 14.12 -9.90
N LEU C 174 -10.51 13.32 -9.12
CA LEU C 174 -9.14 13.59 -8.77
C LEU C 174 -8.31 12.65 -9.66
N GLY C 175 -7.47 13.20 -10.52
CA GLY C 175 -6.74 12.38 -11.48
C GLY C 175 -5.80 11.36 -10.85
N GLY C 176 -5.42 10.35 -11.64
CA GLY C 176 -4.36 9.40 -11.27
C GLY C 176 -3.11 10.17 -10.84
N GLY C 177 -2.55 9.79 -9.70
CA GLY C 177 -1.33 10.42 -9.19
C GLY C 177 -1.46 11.84 -8.67
N ALA C 178 -2.67 12.40 -8.70
CA ALA C 178 -2.91 13.76 -8.23
C ALA C 178 -2.84 13.89 -6.70
N THR C 179 -2.38 15.03 -6.21
CA THR C 179 -2.33 15.32 -4.76
C THR C 179 -3.18 16.56 -4.49
N LEU C 180 -4.33 16.37 -3.83
CA LEU C 180 -5.21 17.50 -3.54
C LEU C 180 -4.74 18.20 -2.27
N VAL C 181 -4.38 19.48 -2.40
CA VAL C 181 -3.90 20.26 -1.26
C VAL C 181 -4.83 21.41 -0.79
N LYS C 182 -5.86 21.69 -1.58
CA LYS C 182 -6.83 22.73 -1.24
C LYS C 182 -8.26 22.18 -1.34
N ASN C 183 -9.15 22.74 -0.53
CA ASN C 183 -10.59 22.51 -0.67
C ASN C 183 -11.09 22.80 -2.07
N GLN C 184 -12.02 21.99 -2.56
CA GLN C 184 -12.68 22.23 -3.84
C GLN C 184 -14.18 22.09 -3.68
N ASP C 185 -14.86 23.21 -3.48
CA ASP C 185 -16.33 23.14 -3.34
C ASP C 185 -17.07 23.31 -4.66
N GLU C 186 -16.33 23.63 -5.72
CA GLU C 186 -16.87 23.58 -7.07
C GLU C 186 -16.34 22.34 -7.77
N LYS C 187 -17.26 21.52 -8.30
CA LYS C 187 -16.88 20.27 -8.98
C LYS C 187 -15.97 20.50 -10.17
N GLY C 188 -15.07 19.57 -10.41
CA GLY C 188 -14.21 19.64 -11.58
C GLY C 188 -13.31 18.44 -11.65
N VAL C 189 -12.35 18.51 -12.57
CA VAL C 189 -11.33 17.48 -12.75
C VAL C 189 -10.00 18.11 -12.32
N PHE C 190 -9.35 17.49 -11.33
CA PHE C 190 -8.14 18.06 -10.73
C PHE C 190 -6.96 17.13 -10.94
N VAL C 191 -5.89 17.66 -11.53
CA VAL C 191 -4.74 16.83 -11.92
C VAL C 191 -3.42 17.46 -11.50
N GLY C 192 -2.44 16.60 -11.21
CA GLY C 192 -1.08 17.06 -10.87
C GLY C 192 -0.71 17.08 -9.40
N VAL C 193 0.56 17.38 -9.14
CA VAL C 193 1.06 17.59 -7.77
C VAL C 193 1.62 19.03 -7.65
N PRO C 194 0.83 19.98 -7.09
CA PRO C 194 -0.50 19.82 -6.47
C PRO C 194 -1.61 19.77 -7.52
N ALA C 195 -2.78 19.27 -7.12
CA ALA C 195 -3.89 19.06 -8.07
C ALA C 195 -4.49 20.37 -8.53
N LYS C 196 -4.51 20.59 -9.83
CA LYS C 196 -5.07 21.83 -10.38
C LYS C 196 -6.26 21.51 -11.27
N ARG C 197 -7.24 22.40 -11.26
CA ARG C 197 -8.40 22.30 -12.15
C ARG C 197 -7.98 22.18 -13.62
N MET C 198 -8.57 21.21 -14.30
CA MET C 198 -8.31 20.97 -15.70
C MET C 198 -9.35 21.69 -16.56
#